data_4R38
#
_entry.id   4R38
#
_cell.length_a   41.081
_cell.length_b   89.383
_cell.length_c   122.404
_cell.angle_alpha   90.000
_cell.angle_beta   90.000
_cell.angle_gamma   90.000
#
_symmetry.space_group_name_H-M   'P 21 21 21'
#
loop_
_entity.id
_entity.type
_entity.pdbx_description
1 polymer 'Blue-light-activated histidine kinase 2'
2 non-polymer RIBOFLAVIN
3 water water
#
_entity_poly.entity_id   1
_entity_poly.type   'polypeptide(L)'
_entity_poly.pdbx_seq_one_letter_code
;GEFKGLMAVGLAEHDKEAWGRLPFSLTIADISQDDEPLIYVNRAFEQMTGYSRSSVVGRNCRFLQGEKTDPGAVERLAKA
IRNCEEVEETIYNYRADGEGFWNHLLMGPLEDQDEKCRYFVGIQVDMGQSESPDRATELD
;
_entity_poly.pdbx_strand_id   A,B,C,D
#
# COMPACT_ATOMS: atom_id res chain seq x y z
N ARG A 21 -8.16 -4.91 -2.11
CA ARG A 21 -8.88 -5.39 -3.29
C ARG A 21 -7.91 -5.91 -4.37
N LEU A 22 -6.83 -6.53 -3.92
CA LEU A 22 -5.78 -7.04 -4.79
C LEU A 22 -6.12 -8.44 -5.32
N PRO A 23 -5.37 -8.92 -6.32
CA PRO A 23 -5.66 -10.23 -6.91
C PRO A 23 -5.12 -11.41 -6.08
N PHE A 24 -5.18 -11.26 -4.77
CA PHE A 24 -4.75 -12.30 -3.88
C PHE A 24 -5.27 -11.98 -2.50
N SER A 25 -5.57 -13.04 -1.76
CA SER A 25 -6.09 -12.93 -0.39
C SER A 25 -5.04 -12.29 0.50
N LEU A 26 -5.44 -11.25 1.21
CA LEU A 26 -4.55 -10.55 2.11
C LEU A 26 -5.28 -10.24 3.41
N THR A 27 -4.55 -10.35 4.52
CA THR A 27 -5.07 -10.12 5.86
C THR A 27 -4.04 -9.33 6.66
N ILE A 28 -4.51 -8.52 7.60
CA ILE A 28 -3.61 -7.81 8.49
C ILE A 28 -4.18 -8.04 9.88
N ALA A 29 -3.30 -8.34 10.84
CA ALA A 29 -3.71 -8.58 12.24
C ALA A 29 -2.99 -7.60 13.14
N ASP A 30 -3.65 -7.17 14.22
CA ASP A 30 -3.00 -6.35 15.22
C ASP A 30 -2.55 -7.32 16.31
N ILE A 31 -1.28 -7.71 16.27
CA ILE A 31 -0.78 -8.75 17.17
C ILE A 31 -0.43 -8.21 18.55
N SER A 32 -0.67 -6.94 18.78
CA SER A 32 -0.48 -6.39 20.11
C SER A 32 -1.78 -6.53 20.89
N GLN A 33 -2.90 -6.71 20.19
CA GLN A 33 -4.20 -6.89 20.87
C GLN A 33 -4.43 -8.32 21.30
N ASP A 34 -5.22 -8.50 22.35
CA ASP A 34 -5.50 -9.83 22.84
C ASP A 34 -6.01 -10.78 21.74
N ASP A 35 -5.29 -11.88 21.58
CA ASP A 35 -5.62 -12.96 20.65
C ASP A 35 -5.38 -12.59 19.18
N GLU A 36 -4.61 -11.53 18.95
CA GLU A 36 -4.13 -11.19 17.60
C GLU A 36 -5.25 -11.16 16.55
N PRO A 37 -6.26 -10.31 16.77
CA PRO A 37 -7.43 -10.22 15.90
C PRO A 37 -7.09 -9.69 14.53
N LEU A 38 -7.79 -10.20 13.54
CA LEU A 38 -7.77 -9.58 12.22
C LEU A 38 -8.38 -8.19 12.29
N ILE A 39 -7.75 -7.21 11.63
CA ILE A 39 -8.32 -5.86 11.51
C ILE A 39 -8.74 -5.56 10.09
N TYR A 40 -8.21 -6.33 9.15
CA TYR A 40 -8.49 -6.15 7.73
C TYR A 40 -8.35 -7.45 6.96
N VAL A 41 -9.28 -7.69 6.05
CA VAL A 41 -9.16 -8.76 5.06
C VAL A 41 -9.68 -8.13 3.78
N ASN A 42 -9.27 -8.64 2.63
CA ASN A 42 -9.82 -8.16 1.39
C ASN A 42 -10.85 -9.12 0.77
N ARG A 43 -11.37 -8.70 -0.38
CA ARG A 43 -12.39 -9.46 -1.07
C ARG A 43 -11.88 -10.84 -1.48
N ALA A 44 -10.62 -10.95 -1.86
CA ALA A 44 -10.06 -12.26 -2.22
C ALA A 44 -10.08 -13.24 -1.03
N PHE A 45 -9.88 -12.73 0.18
CA PHE A 45 -9.98 -13.55 1.37
C PHE A 45 -11.40 -14.05 1.55
N GLU A 46 -12.37 -13.14 1.40
CA GLU A 46 -13.77 -13.52 1.48
C GLU A 46 -14.11 -14.61 0.47
N GLN A 47 -13.62 -14.46 -0.76
CA GLN A 47 -13.97 -15.41 -1.82
C GLN A 47 -13.34 -16.78 -1.59
N MET A 48 -12.10 -16.80 -1.13
CA MET A 48 -11.42 -18.06 -0.82
C MET A 48 -12.03 -18.79 0.37
N THR A 49 -12.33 -18.06 1.43
CA THR A 49 -12.77 -18.70 2.68
C THR A 49 -14.28 -18.85 2.81
N GLY A 50 -15.05 -18.05 2.08
CA GLY A 50 -16.50 -18.07 2.21
C GLY A 50 -17.04 -17.27 3.39
N TYR A 51 -16.15 -16.62 4.15
CA TYR A 51 -16.53 -15.74 5.26
C TYR A 51 -16.61 -14.28 4.85
N SER A 52 -17.66 -13.59 5.28
CA SER A 52 -17.78 -12.17 5.04
C SER A 52 -16.79 -11.45 5.93
N ARG A 53 -16.37 -10.27 5.48
CA ARG A 53 -15.44 -9.45 6.24
C ARG A 53 -16.00 -9.11 7.63
N SER A 54 -17.29 -8.79 7.69
CA SER A 54 -17.94 -8.49 8.97
C SER A 54 -17.76 -9.62 9.97
N SER A 55 -17.85 -10.85 9.48
CA SER A 55 -17.83 -11.99 10.38
C SER A 55 -16.45 -12.30 10.95
N VAL A 56 -15.38 -11.85 10.28
CA VAL A 56 -14.02 -12.26 10.67
C VAL A 56 -13.21 -11.11 11.33
N VAL A 57 -13.55 -9.86 11.06
CA VAL A 57 -12.78 -8.78 11.67
C VAL A 57 -13.03 -8.78 13.18
N GLY A 58 -11.94 -8.76 13.95
CA GLY A 58 -12.02 -8.83 15.41
C GLY A 58 -11.72 -10.21 15.97
N ARG A 59 -11.53 -11.21 15.08
CA ARG A 59 -11.27 -12.60 15.47
C ARG A 59 -9.89 -13.06 15.00
N ASN A 60 -9.22 -13.90 15.77
CA ASN A 60 -7.99 -14.57 15.33
C ASN A 60 -8.25 -15.49 14.14
N CYS A 61 -7.39 -15.43 13.14
CA CYS A 61 -7.59 -16.20 11.91
C CYS A 61 -7.70 -17.72 12.09
N ARG A 62 -7.45 -18.25 13.30
CA ARG A 62 -7.45 -19.69 13.47
C ARG A 62 -8.85 -20.31 13.37
N PHE A 63 -9.90 -19.51 13.23
CA PHE A 63 -11.23 -20.07 12.98
C PHE A 63 -11.23 -20.87 11.67
N LEU A 64 -10.20 -20.68 10.85
CA LEU A 64 -10.06 -21.45 9.60
C LEU A 64 -9.50 -22.85 9.81
N GLN A 65 -8.96 -23.10 11.00
CA GLN A 65 -8.33 -24.37 11.30
C GLN A 65 -9.35 -25.40 11.82
N GLY A 66 -8.92 -26.65 11.83
CA GLY A 66 -9.79 -27.70 12.33
C GLY A 66 -9.05 -28.98 12.67
N GLU A 67 -9.81 -30.08 12.63
CA GLU A 67 -9.37 -31.33 13.19
C GLU A 67 -8.10 -31.85 12.52
N LYS A 68 -7.95 -31.59 11.22
CA LYS A 68 -6.80 -32.11 10.47
C LYS A 68 -5.58 -31.17 10.46
N THR A 69 -5.71 -29.98 11.03
CA THR A 69 -4.62 -29.01 11.07
C THR A 69 -3.46 -29.51 11.90
N ASP A 70 -2.27 -29.48 11.30
CA ASP A 70 -1.08 -30.02 11.94
C ASP A 70 -0.63 -29.13 13.11
N PRO A 71 -0.43 -29.72 14.30
CA PRO A 71 0.00 -28.86 15.42
C PRO A 71 1.43 -28.31 15.30
N GLY A 72 2.31 -29.05 14.64
CA GLY A 72 3.66 -28.56 14.39
C GLY A 72 3.68 -27.28 13.58
N ALA A 73 2.87 -27.25 12.52
CA ALA A 73 2.74 -26.08 11.66
C ALA A 73 2.14 -24.92 12.44
N VAL A 74 1.12 -25.20 13.25
CA VAL A 74 0.51 -24.13 14.02
C VAL A 74 1.55 -23.52 14.95
N GLU A 75 2.36 -24.36 15.59
CA GLU A 75 3.39 -23.83 16.51
C GLU A 75 4.50 -23.05 15.78
N ARG A 76 4.84 -23.43 14.55
CA ARG A 76 5.79 -22.62 13.77
C ARG A 76 5.26 -21.20 13.51
N LEU A 77 3.98 -21.12 13.16
CA LEU A 77 3.29 -19.87 13.03
C LEU A 77 3.28 -19.06 14.31
N ALA A 78 2.86 -19.66 15.42
CA ALA A 78 2.84 -18.93 16.68
C ALA A 78 4.23 -18.45 17.06
N LYS A 79 5.24 -19.28 16.87
CA LYS A 79 6.61 -18.90 17.22
C LYS A 79 7.06 -17.67 16.42
N ALA A 80 6.77 -17.69 15.12
CA ALA A 80 7.08 -16.55 14.27
C ALA A 80 6.41 -15.26 14.80
N ILE A 81 5.14 -15.36 15.18
CA ILE A 81 4.42 -14.21 15.73
C ILE A 81 5.06 -13.69 17.02
N ARG A 82 5.42 -14.58 17.93
CA ARG A 82 6.04 -14.18 19.20
C ARG A 82 7.40 -13.50 18.99
N ASN A 83 8.13 -13.91 17.95
CA ASN A 83 9.47 -13.41 17.67
C ASN A 83 9.52 -12.41 16.52
N CYS A 84 8.34 -11.91 16.15
CA CYS A 84 8.18 -10.94 15.07
C CYS A 84 8.99 -11.29 13.82
N GLU A 85 8.85 -12.54 13.37
CA GLU A 85 9.60 -13.11 12.24
C GLU A 85 8.70 -13.43 11.05
N GLU A 86 9.27 -13.41 9.85
CA GLU A 86 8.55 -13.87 8.67
C GLU A 86 8.42 -15.39 8.75
N VAL A 87 7.34 -15.92 8.22
CA VAL A 87 7.17 -17.36 8.16
C VAL A 87 6.30 -17.76 6.97
N GLU A 88 6.54 -18.98 6.48
CA GLU A 88 5.79 -19.55 5.40
C GLU A 88 5.45 -21.00 5.79
N GLU A 89 4.18 -21.38 5.70
CA GLU A 89 3.69 -22.72 6.05
C GLU A 89 2.48 -23.07 5.18
N THR A 90 2.37 -24.35 4.80
CA THR A 90 1.16 -24.85 4.19
C THR A 90 0.32 -25.58 5.24
N ILE A 91 -0.88 -25.08 5.49
CA ILE A 91 -1.70 -25.51 6.63
C ILE A 91 -3.11 -25.89 6.14
N TYR A 92 -3.69 -26.93 6.74
CA TYR A 92 -5.04 -27.34 6.37
C TYR A 92 -6.10 -26.47 7.02
N ASN A 93 -6.97 -25.92 6.20
CA ASN A 93 -7.97 -24.97 6.65
C ASN A 93 -9.32 -25.46 6.12
N TYR A 94 -10.37 -24.79 6.56
CA TYR A 94 -11.73 -25.17 6.21
C TYR A 94 -12.49 -23.92 5.83
N ARG A 95 -13.19 -23.98 4.70
CA ARG A 95 -14.04 -22.87 4.33
C ARG A 95 -15.29 -22.84 5.21
N ALA A 96 -16.08 -21.79 5.06
CA ALA A 96 -17.28 -21.62 5.85
C ALA A 96 -18.28 -22.74 5.62
N ASP A 97 -18.28 -23.32 4.41
CA ASP A 97 -19.17 -24.44 4.12
C ASP A 97 -18.55 -25.75 4.56
N GLY A 98 -17.40 -25.67 5.21
CA GLY A 98 -16.75 -26.84 5.76
C GLY A 98 -15.80 -27.59 4.84
N GLU A 99 -15.69 -27.16 3.59
CA GLU A 99 -14.74 -27.78 2.67
C GLU A 99 -13.31 -27.56 3.13
N GLY A 100 -12.55 -28.64 3.22
CA GLY A 100 -11.16 -28.51 3.59
C GLY A 100 -10.35 -28.07 2.39
N PHE A 101 -9.26 -27.35 2.65
CA PHE A 101 -8.32 -26.99 1.61
C PHE A 101 -6.95 -26.70 2.18
N TRP A 102 -5.91 -26.83 1.36
CA TRP A 102 -4.56 -26.48 1.75
C TRP A 102 -4.32 -24.98 1.50
N ASN A 103 -3.86 -24.30 2.54
CA ASN A 103 -3.64 -22.87 2.50
C ASN A 103 -2.15 -22.66 2.66
N HIS A 104 -1.53 -22.12 1.61
CA HIS A 104 -0.12 -21.75 1.67
C HIS A 104 -0.08 -20.33 2.17
N LEU A 105 0.29 -20.18 3.42
CA LEU A 105 0.29 -18.91 4.11
C LEU A 105 1.71 -18.35 4.15
N LEU A 106 1.86 -17.08 3.80
CA LEU A 106 3.11 -16.35 3.96
C LEU A 106 2.79 -15.14 4.78
N MET A 107 3.46 -14.97 5.90
CA MET A 107 3.18 -13.79 6.71
C MET A 107 4.40 -13.30 7.43
N GLY A 108 4.27 -12.11 7.99
CA GLY A 108 5.34 -11.47 8.70
C GLY A 108 4.97 -10.07 9.11
N PRO A 109 5.92 -9.39 9.75
CA PRO A 109 5.69 -8.01 10.20
C PRO A 109 5.31 -7.13 9.02
N LEU A 110 4.28 -6.32 9.23
CA LEU A 110 3.88 -5.29 8.26
C LEU A 110 4.96 -4.23 8.10
N GLU A 111 5.65 -3.92 9.19
CA GLU A 111 6.53 -2.76 9.26
C GLU A 111 7.90 -3.16 9.78
N ASP A 112 8.83 -3.33 8.85
CA ASP A 112 10.17 -3.86 9.16
C ASP A 112 10.86 -3.17 10.33
N GLN A 113 10.71 -1.85 10.43
CA GLN A 113 11.43 -1.06 11.42
C GLN A 113 10.68 -0.82 12.74
N ASP A 114 9.47 -1.35 12.85
CA ASP A 114 8.68 -1.12 14.06
C ASP A 114 9.16 -2.02 15.20
N GLU A 115 9.94 -1.42 16.10
CA GLU A 115 10.48 -2.14 17.25
C GLU A 115 9.40 -2.76 18.11
N LYS A 116 8.21 -2.15 18.11
CA LYS A 116 7.07 -2.66 18.87
C LYS A 116 6.34 -3.78 18.14
N CYS A 117 6.62 -3.93 16.84
CA CYS A 117 6.03 -4.97 15.99
C CYS A 117 4.55 -5.23 16.22
N ARG A 118 3.73 -4.24 15.90
CA ARG A 118 2.32 -4.28 16.22
C ARG A 118 1.47 -5.03 15.21
N TYR A 119 1.83 -4.93 13.93
CA TYR A 119 1.00 -5.48 12.89
C TYR A 119 1.69 -6.58 12.10
N PHE A 120 0.91 -7.57 11.71
CA PHE A 120 1.40 -8.66 10.89
C PHE A 120 0.52 -8.67 9.65
N VAL A 121 1.13 -8.93 8.51
CA VAL A 121 0.41 -9.09 7.27
C VAL A 121 0.66 -10.48 6.76
N GLY A 122 -0.35 -11.07 6.13
CA GLY A 122 -0.28 -12.41 5.57
C GLY A 122 -1.01 -12.48 4.24
N ILE A 123 -0.47 -13.28 3.31
CA ILE A 123 -1.25 -13.65 2.13
C ILE A 123 -1.51 -15.13 2.19
N GLN A 124 -2.65 -15.52 1.61
CA GLN A 124 -3.10 -16.89 1.56
C GLN A 124 -3.27 -17.30 0.12
N VAL A 125 -2.70 -18.45 -0.21
CA VAL A 125 -2.84 -19.03 -1.53
C VAL A 125 -3.49 -20.40 -1.39
N ASP A 126 -4.65 -20.55 -2.02
CA ASP A 126 -5.41 -21.79 -2.05
C ASP A 126 -4.70 -22.83 -2.92
N MET A 127 -4.19 -23.91 -2.29
CA MET A 127 -3.51 -24.98 -3.01
C MET A 127 -4.44 -26.16 -3.29
N GLY A 128 -5.72 -26.04 -2.90
CA GLY A 128 -6.72 -27.05 -3.25
C GLY A 128 -6.83 -28.22 -2.29
N GLN A 129 -7.41 -29.31 -2.77
CA GLN A 129 -7.67 -30.50 -1.97
C GLN A 129 -6.78 -31.68 -2.35
N LEU B 22 6.15 6.02 5.70
CA LEU B 22 5.85 7.08 4.75
C LEU B 22 6.15 8.44 5.37
N PRO B 23 6.59 9.41 4.55
CA PRO B 23 7.01 10.72 5.08
C PRO B 23 5.87 11.54 5.69
N PHE B 24 4.61 11.20 5.40
CA PHE B 24 3.47 11.99 5.84
C PHE B 24 2.60 11.23 6.82
N SER B 25 1.87 11.95 7.66
CA SER B 25 1.01 11.37 8.68
C SER B 25 -0.15 10.67 8.01
N LEU B 26 -0.39 9.40 8.36
CA LEU B 26 -1.49 8.64 7.77
C LEU B 26 -2.22 7.88 8.85
N THR B 27 -3.55 7.82 8.71
CA THR B 27 -4.43 7.14 9.65
C THR B 27 -5.45 6.33 8.87
N ILE B 28 -5.86 5.23 9.49
CA ILE B 28 -6.94 4.40 8.97
C ILE B 28 -7.87 4.11 10.10
N ALA B 29 -9.15 4.28 9.83
CA ALA B 29 -10.18 3.98 10.83
C ALA B 29 -11.23 3.01 10.30
N ASP B 30 -11.77 2.18 11.21
CA ASP B 30 -12.88 1.30 10.88
C ASP B 30 -14.21 1.98 11.20
N ILE B 31 -14.87 2.53 10.18
CA ILE B 31 -16.04 3.36 10.42
C ILE B 31 -17.32 2.54 10.52
N SER B 32 -17.19 1.21 10.38
CA SER B 32 -18.31 0.31 10.55
C SER B 32 -18.48 -0.02 12.03
N GLN B 33 -17.40 0.11 12.79
CA GLN B 33 -17.44 -0.09 14.23
C GLN B 33 -17.97 1.13 14.94
N ASP B 34 -18.60 0.90 16.09
CA ASP B 34 -19.09 1.99 16.93
C ASP B 34 -17.96 2.97 17.27
N ASP B 35 -18.23 4.25 17.11
CA ASP B 35 -17.31 5.33 17.46
C ASP B 35 -16.17 5.46 16.42
N GLU B 36 -16.22 4.68 15.35
CA GLU B 36 -15.29 4.84 14.21
C GLU B 36 -13.83 4.96 14.68
N PRO B 37 -13.33 3.90 15.34
CA PRO B 37 -12.00 3.97 15.95
C PRO B 37 -10.88 3.91 14.92
N LEU B 38 -9.76 4.53 15.27
CA LEU B 38 -8.53 4.35 14.52
C LEU B 38 -8.06 2.91 14.71
N ILE B 39 -7.61 2.28 13.64
CA ILE B 39 -7.02 0.96 13.70
C ILE B 39 -5.55 0.99 13.31
N TYR B 40 -5.14 2.07 12.64
CA TYR B 40 -3.76 2.23 12.22
C TYR B 40 -3.35 3.70 12.18
N VAL B 41 -2.18 4.01 12.73
CA VAL B 41 -1.51 5.25 12.44
C VAL B 41 -0.04 4.91 12.19
N ASN B 42 0.67 5.81 11.52
CA ASN B 42 2.09 5.59 11.26
C ASN B 42 2.97 6.46 12.15
N ARG B 43 4.28 6.29 12.00
CA ARG B 43 5.24 7.05 12.79
C ARG B 43 5.08 8.56 12.59
N ALA B 44 4.78 8.98 11.36
CA ALA B 44 4.60 10.40 11.08
C ALA B 44 3.45 11.02 11.89
N PHE B 45 2.34 10.31 12.04
CA PHE B 45 1.25 10.75 12.91
C PHE B 45 1.73 10.86 14.36
N GLU B 46 2.48 9.87 14.81
CA GLU B 46 3.00 9.86 16.17
C GLU B 46 3.84 11.08 16.43
N GLN B 47 4.69 11.42 15.47
CA GLN B 47 5.60 12.54 15.64
C GLN B 47 4.87 13.88 15.55
N MET B 48 3.95 14.00 14.59
CA MET B 48 3.11 15.19 14.50
C MET B 48 2.28 15.43 15.78
N THR B 49 1.54 14.42 16.27
CA THR B 49 0.62 14.62 17.38
C THR B 49 1.24 14.46 18.77
N GLY B 50 2.38 13.76 18.83
CA GLY B 50 3.01 13.48 20.12
C GLY B 50 2.37 12.33 20.89
N TYR B 51 1.45 11.60 20.24
CA TYR B 51 0.83 10.43 20.85
C TYR B 51 1.41 9.14 20.27
N SER B 52 1.76 8.19 21.13
CA SER B 52 2.21 6.87 20.63
C SER B 52 1.02 6.11 20.05
N ARG B 53 1.28 5.13 19.19
CA ARG B 53 0.22 4.28 18.65
C ARG B 53 -0.68 3.65 19.72
N SER B 54 -0.05 3.06 20.73
CA SER B 54 -0.77 2.40 21.79
C SER B 54 -1.81 3.28 22.49
N SER B 55 -1.54 4.58 22.57
CA SER B 55 -2.47 5.55 23.14
C SER B 55 -3.60 5.90 22.19
N VAL B 56 -3.45 5.53 20.92
CA VAL B 56 -4.31 6.07 19.87
C VAL B 56 -5.26 5.01 19.27
N VAL B 57 -4.72 3.83 18.98
CA VAL B 57 -5.48 2.78 18.31
C VAL B 57 -6.66 2.38 19.21
N GLY B 58 -7.84 2.25 18.62
CA GLY B 58 -9.05 1.98 19.37
C GLY B 58 -9.89 3.21 19.69
N ARG B 59 -9.33 4.41 19.48
CA ARG B 59 -10.01 5.66 19.77
C ARG B 59 -10.41 6.39 18.49
N ASN B 60 -11.52 7.10 18.53
CA ASN B 60 -11.88 8.02 17.44
C ASN B 60 -10.90 9.18 17.41
N CYS B 61 -10.52 9.64 16.23
CA CYS B 61 -9.43 10.61 16.14
C CYS B 61 -9.78 11.98 16.74
N ARG B 62 -11.05 12.22 17.03
CA ARG B 62 -11.48 13.50 17.59
C ARG B 62 -10.83 13.86 18.93
N PHE B 63 -10.03 12.95 19.49
CA PHE B 63 -9.26 13.26 20.70
C PHE B 63 -8.27 14.39 20.43
N LEU B 64 -7.92 14.59 19.16
CA LEU B 64 -7.05 15.69 18.78
C LEU B 64 -7.77 17.05 18.85
N GLN B 65 -9.10 17.04 18.84
CA GLN B 65 -9.89 18.27 18.87
C GLN B 65 -9.95 18.87 20.28
N GLY B 66 -10.21 20.17 20.35
CA GLY B 66 -10.22 20.84 21.64
C GLY B 66 -10.96 22.15 21.65
N GLU B 67 -10.49 23.05 22.49
CA GLU B 67 -11.15 24.32 22.79
C GLU B 67 -11.52 25.13 21.55
N LYS B 68 -10.56 25.27 20.64
CA LYS B 68 -10.70 26.19 19.50
C LYS B 68 -11.02 25.46 18.19
N THR B 69 -11.59 24.27 18.29
CA THR B 69 -11.96 23.50 17.10
C THR B 69 -13.30 23.98 16.56
N ASP B 70 -13.39 24.09 15.23
CA ASP B 70 -14.57 24.65 14.60
C ASP B 70 -15.70 23.63 14.49
N PRO B 71 -16.83 23.88 15.19
CA PRO B 71 -17.93 22.91 15.14
C PRO B 71 -18.49 22.66 13.74
N GLY B 72 -18.41 23.66 12.87
CA GLY B 72 -18.92 23.50 11.51
C GLY B 72 -18.07 22.52 10.70
N ALA B 73 -16.76 22.58 10.87
CA ALA B 73 -15.85 21.68 10.16
C ALA B 73 -16.13 20.23 10.58
N VAL B 74 -16.26 20.04 11.88
CA VAL B 74 -16.64 18.76 12.44
C VAL B 74 -17.88 18.19 11.76
N GLU B 75 -18.93 19.00 11.65
CA GLU B 75 -20.18 18.59 11.01
C GLU B 75 -19.97 18.15 9.56
N ARG B 76 -19.04 18.81 8.86
CA ARG B 76 -18.76 18.46 7.47
C ARG B 76 -17.98 17.14 7.38
N LEU B 77 -17.11 16.92 8.36
CA LEU B 77 -16.39 15.66 8.45
C LEU B 77 -17.34 14.49 8.74
N ALA B 78 -18.18 14.66 9.76
CA ALA B 78 -19.17 13.65 10.11
C ALA B 78 -20.06 13.34 8.90
N LYS B 79 -20.55 14.40 8.25
CA LYS B 79 -21.40 14.28 7.06
C LYS B 79 -20.74 13.41 5.99
N ALA B 80 -19.49 13.72 5.66
CA ALA B 80 -18.75 12.95 4.66
C ALA B 80 -18.64 11.48 5.07
N ILE B 81 -18.32 11.23 6.33
CA ILE B 81 -18.22 9.87 6.82
C ILE B 81 -19.56 9.17 6.63
N ARG B 82 -20.64 9.83 7.02
CA ARG B 82 -21.96 9.23 6.91
C ARG B 82 -22.34 8.98 5.44
N ASN B 83 -21.83 9.79 4.54
CA ASN B 83 -22.11 9.61 3.11
C ASN B 83 -20.98 8.91 2.37
N CYS B 84 -19.97 8.47 3.11
CA CYS B 84 -18.83 7.77 2.52
C CYS B 84 -18.25 8.61 1.39
N GLU B 85 -18.01 9.88 1.70
CA GLU B 85 -17.53 10.86 0.73
C GLU B 85 -16.12 11.30 1.08
N GLU B 86 -15.34 11.64 0.05
CA GLU B 86 -14.08 12.31 0.26
C GLU B 86 -14.36 13.68 0.87
N VAL B 87 -13.45 14.17 1.69
CA VAL B 87 -13.64 15.45 2.33
C VAL B 87 -12.28 16.03 2.63
N GLU B 88 -12.16 17.35 2.50
CA GLU B 88 -10.93 18.09 2.80
C GLU B 88 -11.31 19.26 3.70
N GLU B 89 -10.62 19.37 4.83
CA GLU B 89 -10.91 20.41 5.82
C GLU B 89 -9.65 20.78 6.57
N THR B 90 -9.48 22.06 6.89
CA THR B 90 -8.43 22.46 7.81
C THR B 90 -9.13 22.62 9.15
N ILE B 91 -8.56 22.06 10.20
CA ILE B 91 -9.21 22.05 11.50
C ILE B 91 -8.16 22.20 12.58
N TYR B 92 -8.52 22.89 13.65
CA TYR B 92 -7.57 23.15 14.72
C TYR B 92 -7.50 21.97 15.67
N ASN B 93 -6.31 21.40 15.81
CA ASN B 93 -6.05 20.28 16.72
C ASN B 93 -5.01 20.66 17.76
N TYR B 94 -4.77 19.74 18.71
CA TYR B 94 -3.80 19.96 19.79
C TYR B 94 -2.91 18.74 19.95
N ARG B 95 -1.60 18.95 20.09
CA ARG B 95 -0.67 17.85 20.27
C ARG B 95 -0.75 17.33 21.70
N ALA B 96 -0.09 16.22 21.97
CA ALA B 96 -0.11 15.63 23.31
C ALA B 96 0.23 16.67 24.38
N ASP B 97 1.21 17.53 24.09
CA ASP B 97 1.70 18.48 25.11
C ASP B 97 0.90 19.77 25.19
N GLY B 98 -0.23 19.83 24.50
CA GLY B 98 -1.14 20.97 24.60
C GLY B 98 -1.08 21.91 23.42
N GLU B 99 0.06 21.95 22.74
CA GLU B 99 0.28 22.90 21.64
C GLU B 99 -0.74 22.76 20.53
N GLY B 100 -1.39 23.88 20.22
CA GLY B 100 -2.40 23.92 19.18
C GLY B 100 -1.78 24.00 17.80
N PHE B 101 -2.47 23.49 16.79
CA PHE B 101 -1.98 23.59 15.43
C PHE B 101 -3.09 23.37 14.42
N TRP B 102 -2.88 23.89 13.22
CA TRP B 102 -3.83 23.73 12.15
C TRP B 102 -3.48 22.44 11.44
N ASN B 103 -4.47 21.55 11.36
CA ASN B 103 -4.30 20.25 10.76
C ASN B 103 -5.03 20.27 9.43
N HIS B 104 -4.30 20.25 8.33
CA HIS B 104 -4.95 20.14 7.03
C HIS B 104 -5.20 18.66 6.81
N LEU B 105 -6.45 18.27 6.92
CA LEU B 105 -6.86 16.88 6.84
C LEU B 105 -7.46 16.58 5.48
N LEU B 106 -7.02 15.46 4.89
CA LEU B 106 -7.64 14.93 3.67
C LEU B 106 -7.95 13.48 3.94
N MET B 107 -9.24 13.13 3.89
CA MET B 107 -9.67 11.78 4.16
C MET B 107 -10.81 11.36 3.22
N GLY B 108 -11.02 10.05 3.13
CA GLY B 108 -12.11 9.46 2.37
C GLY B 108 -12.03 7.96 2.41
N PRO B 109 -12.91 7.28 1.65
CA PRO B 109 -12.96 5.81 1.68
C PRO B 109 -11.67 5.16 1.23
N LEU B 110 -11.19 4.14 1.95
CA LEU B 110 -9.95 3.47 1.59
C LEU B 110 -10.14 2.58 0.37
N GLU B 111 -11.38 2.12 0.20
CA GLU B 111 -11.75 1.22 -0.89
C GLU B 111 -13.02 1.78 -1.52
N ASP B 112 -12.90 2.30 -2.73
CA ASP B 112 -14.00 2.99 -3.39
C ASP B 112 -15.17 2.05 -3.73
N GLN B 113 -14.88 0.82 -4.12
CA GLN B 113 -15.94 -0.13 -4.48
C GLN B 113 -16.54 -0.88 -3.29
N ASP B 114 -16.15 -0.49 -2.07
CA ASP B 114 -16.69 -1.13 -0.88
C ASP B 114 -18.06 -0.57 -0.57
N GLU B 115 -19.10 -1.29 -1.01
CA GLU B 115 -20.48 -0.89 -0.79
C GLU B 115 -20.73 -0.62 0.69
N LYS B 116 -20.15 -1.45 1.55
CA LYS B 116 -20.31 -1.28 2.99
C LYS B 116 -19.52 -0.07 3.48
N CYS B 117 -18.53 0.36 2.70
CA CYS B 117 -17.70 1.50 3.06
C CYS B 117 -17.14 1.35 4.48
N ARG B 118 -16.35 0.32 4.69
CA ARG B 118 -15.94 -0.05 6.04
C ARG B 118 -14.78 0.80 6.57
N TYR B 119 -13.82 1.12 5.71
CA TYR B 119 -12.62 1.82 6.15
C TYR B 119 -12.48 3.20 5.51
N PHE B 120 -12.00 4.19 6.29
CA PHE B 120 -11.58 5.51 5.82
C PHE B 120 -10.10 5.67 6.06
N VAL B 121 -9.42 6.30 5.11
CA VAL B 121 -8.03 6.69 5.26
C VAL B 121 -7.93 8.19 5.29
N GLY B 122 -7.00 8.71 6.10
CA GLY B 122 -6.80 10.14 6.20
C GLY B 122 -5.31 10.47 6.23
N ILE B 123 -4.92 11.57 5.63
CA ILE B 123 -3.61 12.14 5.87
C ILE B 123 -3.77 13.47 6.56
N GLN B 124 -2.74 13.80 7.34
CA GLN B 124 -2.73 15.04 8.10
C GLN B 124 -1.47 15.83 7.80
N VAL B 125 -1.66 17.08 7.43
CA VAL B 125 -0.53 17.95 7.17
C VAL B 125 -0.50 19.09 8.17
N ASP B 126 0.60 19.16 8.90
CA ASP B 126 0.71 20.11 9.99
C ASP B 126 1.07 21.45 9.39
N MET B 127 0.16 22.41 9.58
CA MET B 127 0.29 23.76 9.07
C MET B 127 0.57 24.80 10.18
N GLY B 128 0.08 24.53 11.39
CA GLY B 128 0.07 25.53 12.45
C GLY B 128 1.44 25.91 13.00
N LEU C 22 7.52 -6.24 2.73
CA LEU C 22 6.46 -7.25 2.84
C LEU C 22 7.08 -8.65 2.79
N PRO C 23 6.55 -9.60 3.56
CA PRO C 23 7.14 -10.92 3.65
C PRO C 23 6.66 -11.87 2.57
N PHE C 24 6.62 -11.38 1.34
CA PHE C 24 6.33 -12.20 0.17
C PHE C 24 6.82 -11.37 -1.03
N SER C 25 7.25 -12.07 -2.06
CA SER C 25 7.74 -11.47 -3.29
C SER C 25 6.60 -10.78 -4.02
N LEU C 26 6.84 -9.52 -4.42
CA LEU C 26 5.82 -8.70 -5.04
C LEU C 26 6.45 -7.89 -6.16
N THR C 27 5.73 -7.79 -7.28
CA THR C 27 6.18 -7.10 -8.48
C THR C 27 5.06 -6.22 -8.97
N ILE C 28 5.40 -5.08 -9.54
CA ILE C 28 4.45 -4.21 -10.23
C ILE C 28 5.00 -3.90 -11.60
N ALA C 29 4.16 -4.06 -12.61
CA ALA C 29 4.53 -3.75 -13.99
C ALA C 29 3.60 -2.68 -14.55
N ASP C 30 4.15 -1.86 -15.44
CA ASP C 30 3.37 -0.90 -16.20
C ASP C 30 3.07 -1.51 -17.56
N ILE C 31 1.87 -2.07 -17.68
CA ILE C 31 1.56 -2.86 -18.86
C ILE C 31 1.04 -1.97 -19.99
N SER C 32 0.99 -0.67 -19.77
CA SER C 32 0.61 0.24 -20.85
C SER C 32 1.85 0.56 -21.72
N GLN C 33 3.04 0.24 -21.22
CA GLN C 33 4.28 0.44 -21.98
C GLN C 33 4.55 -0.83 -22.81
N ASP C 34 5.15 -0.67 -23.99
CA ASP C 34 5.27 -1.81 -24.90
C ASP C 34 5.96 -3.04 -24.31
N ASP C 35 7.01 -2.83 -23.52
CA ASP C 35 7.77 -3.94 -22.98
C ASP C 35 7.09 -4.53 -21.71
N GLU C 36 6.00 -3.90 -21.27
CA GLU C 36 5.35 -4.26 -19.99
C GLU C 36 6.41 -4.42 -18.93
N PRO C 37 7.22 -3.38 -18.73
CA PRO C 37 8.36 -3.51 -17.82
C PRO C 37 7.96 -3.55 -16.34
N LEU C 38 8.78 -4.27 -15.57
CA LEU C 38 8.72 -4.14 -14.13
C LEU C 38 9.15 -2.71 -13.76
N ILE C 39 8.36 -2.06 -12.92
CA ILE C 39 8.72 -0.76 -12.39
C ILE C 39 9.09 -0.84 -10.91
N TYR C 40 8.66 -1.89 -10.25
CA TYR C 40 8.91 -2.09 -8.82
C TYR C 40 8.96 -3.60 -8.49
N VAL C 41 9.95 -3.99 -7.68
CA VAL C 41 9.95 -5.26 -7.02
C VAL C 41 10.48 -5.00 -5.64
N ASN C 42 10.11 -5.87 -4.71
CA ASN C 42 10.58 -5.76 -3.31
C ASN C 42 11.79 -6.62 -2.99
N ARG C 43 12.26 -6.51 -1.75
CA ARG C 43 13.42 -7.28 -1.32
C ARG C 43 13.16 -8.78 -1.42
N ALA C 44 11.94 -9.22 -1.09
CA ALA C 44 11.62 -10.63 -1.18
C ALA C 44 11.79 -11.19 -2.60
N PHE C 45 11.45 -10.39 -3.61
CA PHE C 45 11.67 -10.79 -5.00
C PHE C 45 13.16 -10.92 -5.28
N GLU C 46 13.94 -9.96 -4.78
CA GLU C 46 15.39 -9.99 -4.98
C GLU C 46 15.96 -11.26 -4.37
N GLN C 47 15.49 -11.59 -3.19
CA GLN C 47 16.02 -12.72 -2.44
C GLN C 47 15.61 -14.04 -3.10
N MET C 48 14.35 -14.13 -3.54
CA MET C 48 13.88 -15.33 -4.21
C MET C 48 14.66 -15.56 -5.52
N THR C 49 14.82 -14.52 -6.29
CA THR C 49 15.38 -14.67 -7.65
C THR C 49 16.88 -14.58 -7.71
N GLY C 50 17.52 -13.90 -6.74
CA GLY C 50 18.96 -13.66 -6.80
C GLY C 50 19.36 -12.47 -7.69
N TYR C 51 18.36 -11.75 -8.20
CA TYR C 51 18.58 -10.56 -9.02
C TYR C 51 18.30 -9.30 -8.20
N SER C 52 19.20 -8.35 -8.21
CA SER C 52 18.91 -7.05 -7.58
C SER C 52 17.97 -6.21 -8.46
N ARG C 53 17.29 -5.25 -7.83
CA ARG C 53 16.44 -4.32 -8.53
C ARG C 53 17.08 -3.73 -9.75
N SER C 54 18.33 -3.31 -9.59
CA SER C 54 19.03 -2.64 -10.67
C SER C 54 19.13 -3.50 -11.93
N SER C 55 19.05 -4.83 -11.77
CA SER C 55 19.07 -5.77 -12.89
C SER C 55 17.70 -5.98 -13.48
N VAL C 56 16.67 -5.68 -12.68
CA VAL C 56 15.32 -6.10 -12.96
C VAL C 56 14.39 -4.99 -13.45
N VAL C 57 14.47 -3.82 -12.85
CA VAL C 57 13.54 -2.76 -13.22
C VAL C 57 13.78 -2.35 -14.65
N GLY C 58 12.71 -2.27 -15.43
CA GLY C 58 12.82 -1.95 -16.83
C GLY C 58 12.75 -3.19 -17.73
N ARG C 59 12.90 -4.37 -17.15
CA ARG C 59 12.75 -5.66 -17.88
C ARG C 59 11.36 -6.21 -17.84
N ASN C 60 11.03 -7.02 -18.83
CA ASN C 60 9.85 -7.84 -18.69
C ASN C 60 10.19 -9.05 -17.80
N CYS C 61 9.27 -9.41 -16.91
CA CYS C 61 9.54 -10.43 -15.93
C CYS C 61 9.78 -11.81 -16.56
N ARG C 62 9.48 -11.97 -17.85
CA ARG C 62 9.75 -13.23 -18.54
C ARG C 62 11.24 -13.55 -18.57
N PHE C 63 12.09 -12.65 -18.11
CA PHE C 63 13.54 -12.90 -18.07
C PHE C 63 13.84 -14.08 -17.14
N LEU C 64 12.95 -14.39 -16.20
CA LEU C 64 13.11 -15.54 -15.29
C LEU C 64 12.82 -16.89 -15.96
N GLN C 65 12.26 -16.87 -17.16
CA GLN C 65 11.88 -18.10 -17.84
C GLN C 65 13.04 -18.71 -18.61
N GLY C 66 12.87 -19.97 -19.01
CA GLY C 66 13.88 -20.60 -19.84
C GLY C 66 13.30 -21.77 -20.60
N GLU C 67 14.17 -22.73 -20.92
CA GLU C 67 13.84 -23.91 -21.72
C GLU C 67 12.56 -24.62 -21.31
N LYS C 68 12.55 -25.10 -20.07
CA LYS C 68 11.46 -25.91 -19.56
C LYS C 68 10.19 -25.12 -19.21
N THR C 69 10.20 -23.79 -19.34
CA THR C 69 8.99 -23.03 -19.08
C THR C 69 7.88 -23.40 -20.08
N ASP C 70 6.70 -23.74 -19.58
CA ASP C 70 5.60 -24.24 -20.39
C ASP C 70 4.95 -23.16 -21.24
N PRO C 71 5.08 -23.27 -22.58
CA PRO C 71 4.56 -22.15 -23.39
C PRO C 71 3.04 -21.99 -23.29
N GLY C 72 2.35 -23.06 -22.91
CA GLY C 72 0.91 -22.99 -22.70
C GLY C 72 0.57 -22.10 -21.52
N ALA C 73 1.32 -22.25 -20.44
CA ALA C 73 1.09 -21.44 -19.23
C ALA C 73 1.42 -20.00 -19.54
N VAL C 74 2.54 -19.81 -20.24
CA VAL C 74 2.96 -18.47 -20.65
C VAL C 74 1.84 -17.83 -21.46
N GLU C 75 1.26 -18.59 -22.38
CA GLU C 75 0.20 -18.04 -23.19
C GLU C 75 -0.99 -17.61 -22.31
N ARG C 76 -1.28 -18.37 -21.25
CA ARG C 76 -2.43 -18.03 -20.41
C ARG C 76 -2.17 -16.74 -19.63
N LEU C 77 -0.91 -16.53 -19.24
CA LEU C 77 -0.51 -15.28 -18.60
C LEU C 77 -0.69 -14.13 -19.58
N ALA C 78 -0.21 -14.30 -20.80
CA ALA C 78 -0.31 -13.24 -21.80
C ALA C 78 -1.78 -12.88 -22.06
N LYS C 79 -2.64 -13.88 -22.20
CA LYS C 79 -4.07 -13.63 -22.46
C LYS C 79 -4.69 -12.85 -21.30
N ALA C 80 -4.35 -13.22 -20.08
CA ALA C 80 -4.87 -12.50 -18.91
C ALA C 80 -4.45 -11.03 -18.90
N ILE C 81 -3.17 -10.77 -19.22
CA ILE C 81 -2.67 -9.41 -19.24
C ILE C 81 -3.41 -8.61 -20.32
N ARG C 82 -3.56 -9.21 -21.50
CA ARG C 82 -4.25 -8.55 -22.62
C ARG C 82 -5.70 -8.21 -22.24
N ASN C 83 -6.36 -9.09 -21.49
CA ASN C 83 -7.77 -8.89 -21.14
C ASN C 83 -7.97 -8.22 -19.79
N CYS C 84 -6.87 -7.79 -19.18
CA CYS C 84 -6.87 -7.17 -17.86
C CYS C 84 -7.60 -8.02 -16.83
N GLU C 85 -7.21 -9.29 -16.74
CA GLU C 85 -7.88 -10.26 -15.86
C GLU C 85 -6.89 -10.83 -14.84
N GLU C 86 -7.42 -11.24 -13.70
CA GLU C 86 -6.65 -11.96 -12.68
C GLU C 86 -6.29 -13.32 -13.23
N VAL C 87 -5.14 -13.81 -12.82
CA VAL C 87 -4.74 -15.12 -13.28
C VAL C 87 -3.78 -15.72 -12.27
N GLU C 88 -3.81 -17.05 -12.20
CA GLU C 88 -2.95 -17.82 -11.34
C GLU C 88 -2.36 -18.99 -12.16
N GLU C 89 -1.03 -19.14 -12.12
CA GLU C 89 -0.32 -20.23 -12.83
C GLU C 89 0.94 -20.59 -12.04
N THR C 90 1.35 -21.83 -12.17
CA THR C 90 2.61 -22.26 -11.57
C THR C 90 3.51 -22.49 -12.78
N ILE C 91 4.62 -21.78 -12.79
CA ILE C 91 5.49 -21.72 -13.96
C ILE C 91 6.93 -22.01 -13.52
N TYR C 92 7.70 -22.63 -14.40
CA TYR C 92 9.07 -22.95 -14.05
C TYR C 92 9.91 -21.74 -14.35
N ASN C 93 10.67 -21.30 -13.35
CA ASN C 93 11.54 -20.14 -13.47
C ASN C 93 12.96 -20.49 -13.06
N TYR C 94 13.89 -19.54 -13.30
CA TYR C 94 15.29 -19.71 -12.98
C TYR C 94 15.88 -18.58 -12.20
N ARG C 95 16.57 -18.94 -11.12
CA ARG C 95 17.24 -17.95 -10.30
C ARG C 95 18.49 -17.47 -11.00
N ALA C 96 19.10 -16.42 -10.47
CA ALA C 96 20.27 -15.82 -11.10
C ALA C 96 21.43 -16.80 -11.17
N ASP C 97 21.51 -17.73 -10.22
CA ASP C 97 22.58 -18.72 -10.24
C ASP C 97 22.32 -19.90 -11.17
N GLY C 98 21.20 -19.86 -11.91
CA GLY C 98 20.87 -20.94 -12.84
C GLY C 98 19.89 -21.99 -12.29
N GLU C 99 19.66 -21.98 -10.99
CA GLU C 99 18.80 -22.96 -10.34
C GLU C 99 17.35 -22.79 -10.77
N GLY C 100 16.76 -23.87 -11.26
CA GLY C 100 15.35 -23.87 -11.58
C GLY C 100 14.46 -23.96 -10.36
N PHE C 101 13.26 -23.42 -10.48
CA PHE C 101 12.30 -23.48 -9.39
C PHE C 101 10.87 -23.26 -9.90
N TRP C 102 9.91 -23.79 -9.15
CA TRP C 102 8.50 -23.64 -9.48
C TRP C 102 8.01 -22.36 -8.82
N ASN C 103 7.40 -21.50 -9.62
CA ASN C 103 6.96 -20.17 -9.17
C ASN C 103 5.44 -20.16 -9.27
N HIS C 104 4.77 -20.12 -8.14
CA HIS C 104 3.33 -20.03 -8.22
C HIS C 104 2.98 -18.54 -8.23
N LEU C 105 2.48 -18.09 -9.39
CA LEU C 105 2.28 -16.69 -9.66
C LEU C 105 0.81 -16.35 -9.62
N LEU C 106 0.50 -15.27 -8.90
CA LEU C 106 -0.87 -14.76 -8.82
C LEU C 106 -0.79 -13.29 -9.19
N MET C 107 -1.50 -12.90 -10.25
CA MET C 107 -1.42 -11.52 -10.69
C MET C 107 -2.76 -11.01 -11.20
N GLY C 108 -2.86 -9.70 -11.25
CA GLY C 108 -4.00 -9.02 -11.83
C GLY C 108 -3.87 -7.52 -11.71
N PRO C 109 -4.94 -6.80 -12.11
CA PRO C 109 -5.00 -5.35 -12.05
C PRO C 109 -4.61 -4.85 -10.68
N LEU C 110 -3.73 -3.86 -10.64
CA LEU C 110 -3.37 -3.22 -9.38
C LEU C 110 -4.55 -2.36 -8.92
N GLU C 111 -5.26 -1.80 -9.89
CA GLU C 111 -6.34 -0.83 -9.64
C GLU C 111 -7.57 -1.24 -10.45
N ASP C 112 -8.52 -1.90 -9.80
CA ASP C 112 -9.68 -2.47 -10.48
C ASP C 112 -10.56 -1.42 -11.19
N GLN C 113 -10.56 -0.19 -10.67
CA GLN C 113 -11.40 0.88 -11.23
C GLN C 113 -10.71 1.67 -12.34
N ASP C 114 -9.46 1.34 -12.64
CA ASP C 114 -8.75 2.01 -13.72
C ASP C 114 -9.17 1.45 -15.09
N GLU C 115 -9.95 2.20 -15.84
CA GLU C 115 -10.43 1.70 -17.12
C GLU C 115 -9.28 1.54 -18.13
N LYS C 116 -8.15 2.16 -17.84
CA LYS C 116 -6.97 2.01 -18.70
C LYS C 116 -6.19 0.75 -18.33
N CYS C 117 -6.47 0.18 -17.15
CA CYS C 117 -5.71 -0.96 -16.67
C CYS C 117 -4.20 -0.82 -16.85
N ARG C 118 -3.66 0.26 -16.30
CA ARG C 118 -2.29 0.62 -16.56
C ARG C 118 -1.31 -0.31 -15.86
N TYR C 119 -1.63 -0.71 -14.63
CA TYR C 119 -0.65 -1.40 -13.81
C TYR C 119 -1.12 -2.81 -13.43
N PHE C 120 -0.21 -3.76 -13.46
CA PHE C 120 -0.49 -5.10 -12.94
C PHE C 120 0.38 -5.31 -11.72
N VAL C 121 -0.17 -6.05 -10.74
CA VAL C 121 0.59 -6.50 -9.59
C VAL C 121 0.62 -8.00 -9.57
N GLY C 122 1.74 -8.55 -9.14
CA GLY C 122 1.89 -9.98 -9.00
C GLY C 122 2.61 -10.34 -7.70
N ILE C 123 2.23 -11.47 -7.13
CA ILE C 123 3.03 -12.10 -6.09
C ILE C 123 3.54 -13.45 -6.60
N GLN C 124 4.73 -13.79 -6.14
CA GLN C 124 5.41 -15.03 -6.50
C GLN C 124 5.62 -15.85 -5.25
N VAL C 125 5.17 -17.08 -5.30
CA VAL C 125 5.37 -18.04 -4.23
C VAL C 125 6.33 -19.12 -4.76
N ASP C 126 7.49 -19.18 -4.12
CA ASP C 126 8.58 -20.10 -4.43
C ASP C 126 8.20 -21.47 -3.90
N MET C 127 7.92 -22.39 -4.82
CA MET C 127 7.53 -23.75 -4.48
C MET C 127 8.74 -24.68 -4.54
N GLY C 128 9.93 -24.13 -4.71
CA GLY C 128 11.16 -24.92 -4.76
C GLY C 128 11.18 -25.88 -5.94
N GLN C 129 11.82 -27.04 -5.78
CA GLN C 129 11.82 -28.07 -6.82
C GLN C 129 11.75 -29.48 -6.24
N LEU D 22 -6.68 6.61 -3.53
CA LEU D 22 -6.58 7.36 -2.27
C LEU D 22 -7.15 8.76 -2.45
N PRO D 23 -7.67 9.36 -1.38
CA PRO D 23 -8.34 10.67 -1.44
C PRO D 23 -7.39 11.85 -1.26
N PHE D 24 -6.19 11.71 -1.79
CA PHE D 24 -5.21 12.77 -1.81
C PHE D 24 -4.25 12.43 -2.96
N SER D 25 -3.70 13.47 -3.54
CA SER D 25 -2.80 13.35 -4.68
C SER D 25 -1.51 12.69 -4.23
N LEU D 26 -1.11 11.64 -4.94
CA LEU D 26 0.09 10.90 -4.56
C LEU D 26 0.90 10.56 -5.83
N THR D 27 2.22 10.67 -5.70
CA THR D 27 3.16 10.40 -6.81
C THR D 27 4.31 9.56 -6.32
N ILE D 28 4.84 8.72 -7.20
CA ILE D 28 6.02 7.91 -6.88
C ILE D 28 6.99 8.11 -8.04
N ALA D 29 8.23 8.42 -7.71
CA ALA D 29 9.31 8.62 -8.68
C ALA D 29 10.40 7.60 -8.45
N ASP D 30 11.05 7.16 -9.53
CA ASP D 30 12.24 6.34 -9.43
C ASP D 30 13.42 7.30 -9.56
N ILE D 31 13.94 7.72 -8.39
CA ILE D 31 15.00 8.68 -8.37
C ILE D 31 16.35 8.08 -8.71
N SER D 32 16.41 6.77 -8.94
CA SER D 32 17.67 6.19 -9.39
C SER D 32 17.81 6.39 -10.88
N GLN D 33 16.71 6.63 -11.57
CA GLN D 33 16.74 6.78 -13.02
C GLN D 33 17.05 8.24 -13.38
N ASP D 34 17.70 8.43 -14.53
CA ASP D 34 18.04 9.75 -15.00
C ASP D 34 16.84 10.66 -15.00
N ASP D 35 17.00 11.78 -14.30
CA ASP D 35 15.99 12.83 -14.21
C ASP D 35 14.79 12.48 -13.38
N GLU D 36 14.90 11.43 -12.55
CA GLU D 36 13.90 11.13 -11.53
C GLU D 36 12.48 11.11 -12.05
N PRO D 37 12.19 10.25 -13.04
CA PRO D 37 10.85 10.17 -13.59
C PRO D 37 9.80 9.63 -12.65
N LEU D 38 8.60 10.18 -12.78
CA LEU D 38 7.42 9.67 -12.19
C LEU D 38 7.15 8.28 -12.82
N ILE D 39 6.92 7.30 -11.96
CA ILE D 39 6.50 5.97 -12.42
C ILE D 39 5.05 5.70 -12.09
N TYR D 40 4.48 6.48 -11.17
CA TYR D 40 3.11 6.26 -10.74
C TYR D 40 2.54 7.59 -10.23
N VAL D 41 1.30 7.85 -10.59
CA VAL D 41 0.49 8.92 -9.99
C VAL D 41 -0.92 8.35 -9.89
N ASN D 42 -1.71 8.88 -8.97
CA ASN D 42 -3.04 8.41 -8.77
C ASN D 42 -4.09 9.32 -9.39
N ARG D 43 -5.35 8.95 -9.27
CA ARG D 43 -6.41 9.74 -9.90
C ARG D 43 -6.49 11.13 -9.30
N ALA D 44 -6.25 11.25 -8.00
CA ALA D 44 -6.27 12.56 -7.33
C ALA D 44 -5.24 13.53 -7.95
N PHE D 45 -4.06 13.03 -8.31
CA PHE D 45 -3.03 13.83 -8.96
C PHE D 45 -3.54 14.27 -10.33
N GLU D 46 -4.11 13.34 -11.09
CA GLU D 46 -4.67 13.70 -12.38
C GLU D 46 -5.73 14.82 -12.24
N GLN D 47 -6.60 14.70 -11.25
CA GLN D 47 -7.68 15.67 -11.07
C GLN D 47 -7.13 17.04 -10.67
N MET D 48 -6.14 17.04 -9.78
CA MET D 48 -5.52 18.28 -9.30
C MET D 48 -4.79 19.03 -10.42
N THR D 49 -3.99 18.28 -11.19
CA THR D 49 -3.11 18.85 -12.18
C THR D 49 -3.71 19.02 -13.57
N GLY D 50 -4.75 18.28 -13.90
CA GLY D 50 -5.31 18.29 -15.25
C GLY D 50 -4.58 17.39 -16.25
N TYR D 51 -3.55 16.72 -15.78
CA TYR D 51 -2.74 15.84 -16.64
C TYR D 51 -3.21 14.40 -16.54
N SER D 52 -3.19 13.69 -17.65
CA SER D 52 -3.41 12.23 -17.57
C SER D 52 -2.13 11.55 -17.17
N ARG D 53 -2.29 10.34 -16.62
CA ARG D 53 -1.19 9.52 -16.22
C ARG D 53 -0.31 9.26 -17.45
N SER D 54 -0.98 9.06 -18.58
CA SER D 54 -0.29 8.81 -19.81
C SER D 54 0.68 9.96 -20.15
N SER D 55 0.27 11.20 -19.89
CA SER D 55 1.10 12.35 -20.18
C SER D 55 2.34 12.48 -19.28
N VAL D 56 2.17 12.07 -18.04
CA VAL D 56 3.10 12.39 -16.97
C VAL D 56 4.14 11.26 -16.68
N VAL D 57 3.73 9.98 -16.84
CA VAL D 57 4.64 8.91 -16.49
C VAL D 57 5.88 8.98 -17.38
N GLY D 58 7.04 8.86 -16.75
CA GLY D 58 8.32 8.92 -17.46
C GLY D 58 8.99 10.28 -17.44
N ARG D 59 8.29 11.26 -16.88
CA ARG D 59 8.79 12.62 -16.81
C ARG D 59 9.01 13.08 -15.38
N ASN D 60 10.00 13.93 -15.20
CA ASN D 60 10.24 14.62 -13.91
C ASN D 60 9.07 15.55 -13.59
N CYS D 61 8.61 15.57 -12.33
CA CYS D 61 7.40 16.32 -11.97
C CYS D 61 7.53 17.82 -12.14
N ARG D 62 8.73 18.28 -12.44
CA ARG D 62 8.99 19.73 -12.57
C ARG D 62 8.24 20.34 -13.76
N PHE D 63 7.59 19.52 -14.59
CA PHE D 63 6.74 20.08 -15.64
C PHE D 63 5.62 20.93 -15.03
N LEU D 64 5.32 20.72 -13.74
CA LEU D 64 4.29 21.52 -13.09
C LEU D 64 4.79 22.93 -12.76
N GLN D 65 6.08 23.18 -12.92
CA GLN D 65 6.65 24.47 -12.52
C GLN D 65 6.54 25.45 -13.67
N GLY D 66 6.66 26.74 -13.36
CA GLY D 66 6.71 27.77 -14.39
C GLY D 66 7.20 29.08 -13.82
N GLU D 67 6.67 30.18 -14.37
CA GLU D 67 7.22 31.52 -14.15
C GLU D 67 7.45 31.83 -12.69
N LYS D 68 6.44 31.56 -11.88
CA LYS D 68 6.46 31.99 -10.48
C LYS D 68 7.09 30.99 -9.53
N THR D 69 7.52 29.84 -10.06
CA THR D 69 8.17 28.86 -9.20
C THR D 69 9.51 29.43 -8.65
N ASP D 70 9.67 29.31 -7.34
CA ASP D 70 10.86 29.84 -6.68
C ASP D 70 12.06 28.94 -6.89
N PRO D 71 13.14 29.47 -7.45
CA PRO D 71 14.31 28.58 -7.55
C PRO D 71 14.88 28.13 -6.20
N GLY D 72 14.72 28.95 -5.16
CA GLY D 72 15.26 28.58 -3.85
C GLY D 72 14.62 27.30 -3.33
N ALA D 73 13.29 27.27 -3.37
CA ALA D 73 12.54 26.11 -2.95
C ALA D 73 12.91 24.89 -3.79
N VAL D 74 13.07 25.09 -5.10
CA VAL D 74 13.47 24.01 -6.01
C VAL D 74 14.84 23.42 -5.63
N GLU D 75 15.79 24.30 -5.29
CA GLU D 75 17.12 23.87 -4.85
C GLU D 75 16.99 23.01 -3.59
N ARG D 76 16.08 23.39 -2.68
CA ARG D 76 15.92 22.63 -1.44
C ARG D 76 15.34 21.23 -1.71
N LEU D 77 14.41 21.13 -2.66
CA LEU D 77 13.86 19.86 -3.06
C LEU D 77 14.96 19.02 -3.70
N ALA D 78 15.77 19.64 -4.57
CA ALA D 78 16.84 18.90 -5.22
C ALA D 78 17.82 18.33 -4.22
N LYS D 79 18.16 19.13 -3.21
CA LYS D 79 19.13 18.69 -2.23
C LYS D 79 18.58 17.52 -1.39
N ALA D 80 17.29 17.59 -1.05
CA ALA D 80 16.67 16.54 -0.26
C ALA D 80 16.70 15.22 -1.04
N ILE D 81 16.41 15.29 -2.33
CA ILE D 81 16.45 14.10 -3.18
C ILE D 81 17.85 13.52 -3.24
N ARG D 82 18.85 14.35 -3.45
CA ARG D 82 20.24 13.85 -3.56
C ARG D 82 20.69 13.22 -2.25
N ASN D 83 20.19 13.74 -1.14
CA ASN D 83 20.54 13.23 0.19
C ASN D 83 19.58 12.19 0.79
N CYS D 84 18.58 11.79 0.00
CA CYS D 84 17.56 10.82 0.43
C CYS D 84 16.89 11.24 1.75
N GLU D 85 16.46 12.50 1.81
CA GLU D 85 15.83 13.06 3.01
C GLU D 85 14.37 13.44 2.75
N GLU D 86 13.58 13.39 3.80
CA GLU D 86 12.23 13.93 3.77
C GLU D 86 12.31 15.44 3.59
N VAL D 87 11.35 16.00 2.86
CA VAL D 87 11.29 17.44 2.70
C VAL D 87 9.85 17.90 2.47
N GLU D 88 9.60 19.16 2.85
CA GLU D 88 8.28 19.76 2.70
C GLU D 88 8.49 21.20 2.23
N GLU D 89 7.95 21.56 1.06
CA GLU D 89 7.99 22.95 0.55
C GLU D 89 6.67 23.26 -0.07
N THR D 90 6.24 24.51 0.07
CA THR D 90 5.09 25.01 -0.67
C THR D 90 5.62 25.70 -1.92
N ILE D 91 5.21 25.21 -3.07
CA ILE D 91 5.81 25.64 -4.33
C ILE D 91 4.73 26.05 -5.33
N TYR D 92 5.01 27.05 -6.15
CA TYR D 92 4.00 27.49 -7.11
C TYR D 92 4.04 26.58 -8.34
N ASN D 93 2.89 26.11 -8.74
CA ASN D 93 2.78 25.12 -9.80
C ASN D 93 1.67 25.56 -10.72
N TYR D 94 1.55 24.86 -11.85
CA TYR D 94 0.60 25.18 -12.91
C TYR D 94 -0.07 23.91 -13.42
N ARG D 95 -1.39 23.97 -13.53
CA ARG D 95 -2.16 22.90 -14.10
C ARG D 95 -1.97 22.82 -15.60
N ALA D 96 -2.44 21.73 -16.18
CA ALA D 96 -2.31 21.57 -17.63
C ALA D 96 -2.92 22.71 -18.40
N ASP D 97 -4.00 23.30 -17.89
CA ASP D 97 -4.65 24.42 -18.57
C ASP D 97 -4.01 25.79 -18.27
N GLY D 98 -2.89 25.80 -17.54
CA GLY D 98 -2.17 27.02 -17.23
C GLY D 98 -2.50 27.67 -15.91
N GLU D 99 -3.54 27.21 -15.23
CA GLU D 99 -3.93 27.84 -13.98
C GLU D 99 -2.87 27.65 -12.91
N GLY D 100 -2.47 28.74 -12.26
CA GLY D 100 -1.49 28.62 -11.19
C GLY D 100 -2.12 28.27 -9.87
N PHE D 101 -1.34 27.57 -9.05
CA PHE D 101 -1.76 27.24 -7.69
C PHE D 101 -0.56 26.97 -6.80
N TRP D 102 -0.77 27.15 -5.50
CA TRP D 102 0.24 26.82 -4.51
C TRP D 102 0.09 25.34 -4.17
N ASN D 103 1.20 24.62 -4.27
CA ASN D 103 1.23 23.18 -4.05
C ASN D 103 2.07 22.93 -2.80
N HIS D 104 1.43 22.47 -1.75
CA HIS D 104 2.16 22.07 -0.56
C HIS D 104 2.63 20.62 -0.77
N LEU D 105 3.91 20.47 -1.04
CA LEU D 105 4.50 19.17 -1.38
C LEU D 105 5.20 18.57 -0.18
N LEU D 106 4.94 17.30 0.09
CA LEU D 106 5.59 16.55 1.16
C LEU D 106 6.08 15.28 0.55
N MET D 107 7.38 15.05 0.63
CA MET D 107 7.96 13.89 -0.02
C MET D 107 9.12 13.33 0.78
N GLY D 108 9.54 12.13 0.41
CA GLY D 108 10.62 11.43 1.06
C GLY D 108 10.76 10.02 0.53
N PRO D 109 11.73 9.27 1.07
CA PRO D 109 11.98 7.89 0.67
C PRO D 109 10.73 7.07 0.83
N LEU D 110 10.42 6.27 -0.18
CA LEU D 110 9.34 5.30 -0.09
C LEU D 110 9.66 4.18 0.87
N GLU D 111 10.93 3.78 0.90
CA GLU D 111 11.36 2.64 1.70
C GLU D 111 12.54 3.05 2.57
N ASP D 112 12.22 3.51 3.77
CA ASP D 112 13.22 3.98 4.72
C ASP D 112 14.46 3.10 4.83
N GLN D 113 14.30 1.79 4.66
CA GLN D 113 15.40 0.84 4.83
C GLN D 113 16.17 0.52 3.54
N ASP D 114 15.76 1.07 2.42
CA ASP D 114 16.45 0.78 1.18
C ASP D 114 17.73 1.63 1.11
N GLU D 115 18.87 0.96 1.23
CA GLU D 115 20.16 1.63 1.30
C GLU D 115 20.50 2.28 -0.03
N LYS D 116 19.84 1.86 -1.10
CA LYS D 116 20.03 2.52 -2.39
C LYS D 116 19.05 3.66 -2.64
N CYS D 117 18.08 3.83 -1.76
CA CYS D 117 17.09 4.88 -1.87
C CYS D 117 16.56 5.05 -3.29
N ARG D 118 16.02 3.99 -3.86
CA ARG D 118 15.62 4.02 -5.26
C ARG D 118 14.34 4.84 -5.51
N TYR D 119 13.38 4.80 -4.60
CA TYR D 119 12.08 5.41 -4.86
C TYR D 119 11.76 6.51 -3.86
N PHE D 120 11.12 7.57 -4.35
CA PHE D 120 10.60 8.66 -3.52
C PHE D 120 9.09 8.68 -3.73
N VAL D 121 8.39 9.05 -2.67
CA VAL D 121 6.94 9.15 -2.72
C VAL D 121 6.60 10.55 -2.27
N GLY D 122 5.57 11.12 -2.87
CA GLY D 122 5.19 12.48 -2.52
C GLY D 122 3.70 12.66 -2.53
N ILE D 123 3.24 13.59 -1.69
CA ILE D 123 1.85 13.97 -1.73
C ILE D 123 1.80 15.45 -1.98
N GLN D 124 0.76 15.86 -2.69
CA GLN D 124 0.51 17.23 -3.05
C GLN D 124 -0.81 17.70 -2.50
N VAL D 125 -0.78 18.85 -1.81
CA VAL D 125 -2.00 19.50 -1.34
C VAL D 125 -2.14 20.89 -2.02
N ASP D 126 -3.26 21.07 -2.72
CA ASP D 126 -3.54 22.27 -3.45
C ASP D 126 -3.98 23.32 -2.44
N MET D 127 -3.16 24.34 -2.25
CA MET D 127 -3.40 25.41 -1.27
C MET D 127 -3.99 26.68 -1.89
N GLY D 128 -4.57 26.56 -3.08
CA GLY D 128 -5.25 27.67 -3.73
C GLY D 128 -4.37 28.71 -4.43
N GLN D 129 -4.96 29.87 -4.71
CA GLN D 129 -4.28 31.02 -5.34
C GLN D 129 -4.08 32.17 -4.35
#